data_1UOS
#
_entry.id   1UOS
#
_cell.length_a   132.458
_cell.length_b   132.458
_cell.length_c   112.959
_cell.angle_alpha   90.00
_cell.angle_beta   90.00
_cell.angle_gamma   90.00
#
_symmetry.space_group_name_H-M   'I 4'
#
loop_
_entity.id
_entity.type
_entity.pdbx_description
1 polymer 'CONVULXIN ALPHA'
2 polymer 'CONVULXIN BETA'
3 water water
#
loop_
_entity_poly.entity_id
_entity_poly.type
_entity_poly.pdbx_seq_one_letter_code
_entity_poly.pdbx_strand_id
1 'polypeptide(L)'
;GLHCPSDWYYYDQHCYRIFNEEMNWEDAEWFCTKQAKGAHLVSIKSAKEADFVAWMVTQNIEESFSHVSIGLRVQNKEKQ
CSTKWSDGSSVSYDNLLDLYITKCSLLKKETGFRKWFVASCIGKIPFVCKFPPQC
;
A,C
2 'polypeptide(L)'
;AGFCCPSHWSSYDRYCYKVFKQEMTWADAEKFCTQQHTGSHLVSFHSTEEVDFVVKMTHQSLKSTFFWIGANNIWNKCNW
QWSDGTKPEYKEWHEEFECLISRTFDNQWLSAPCSDTYSFVCKFEA
;
B,D
#
# COMPACT_ATOMS: atom_id res chain seq x y z
N HIS A 3 44.58 24.74 17.14
CA HIS A 3 44.70 24.33 18.59
C HIS A 3 43.29 24.10 19.18
N CYS A 4 43.23 23.31 20.25
CA CYS A 4 41.94 23.02 20.85
C CYS A 4 41.77 23.03 22.36
N PRO A 5 40.52 23.15 22.84
CA PRO A 5 40.28 23.18 24.29
C PRO A 5 40.94 22.02 25.03
N SER A 6 40.98 22.15 26.35
CA SER A 6 41.59 21.11 27.19
C SER A 6 40.76 19.87 27.07
N ASP A 7 41.43 18.72 27.12
CA ASP A 7 40.79 17.41 27.06
C ASP A 7 40.36 17.04 25.65
N TRP A 8 40.51 17.97 24.71
CA TRP A 8 40.18 17.68 23.33
C TRP A 8 41.45 17.30 22.58
N TYR A 9 41.31 16.41 21.61
CA TYR A 9 42.45 15.98 20.81
C TYR A 9 42.41 16.64 19.45
N TYR A 10 43.57 17.00 18.93
CA TYR A 10 43.62 17.60 17.61
C TYR A 10 44.18 16.61 16.61
N TYR A 11 43.40 16.27 15.60
CA TYR A 11 43.83 15.36 14.54
C TYR A 11 43.46 16.02 13.22
N ASP A 12 44.37 15.93 12.24
CA ASP A 12 44.22 16.55 10.93
C ASP A 12 43.82 18.01 11.11
N GLN A 13 42.57 18.35 10.78
CA GLN A 13 42.13 19.72 10.93
C GLN A 13 40.96 19.89 11.89
N HIS A 14 40.63 18.85 12.65
CA HIS A 14 39.52 18.94 13.59
C HIS A 14 39.87 18.56 15.03
N CYS A 15 38.94 18.84 15.92
CA CYS A 15 39.10 18.49 17.31
C CYS A 15 38.08 17.46 17.69
N TYR A 16 38.55 16.44 18.40
CA TYR A 16 37.68 15.36 18.82
C TYR A 16 37.75 15.21 20.32
N ARG A 17 36.73 14.58 20.89
CA ARG A 17 36.68 14.32 22.32
C ARG A 17 35.56 13.35 22.64
N ILE A 18 35.84 12.36 23.46
CA ILE A 18 34.80 11.43 23.83
C ILE A 18 34.27 11.85 25.21
N PHE A 19 32.97 11.93 25.37
CA PHE A 19 32.40 12.27 26.66
C PHE A 19 31.83 10.99 27.28
N ASN A 20 32.24 10.66 28.50
CA ASN A 20 31.74 9.45 29.13
C ASN A 20 30.42 9.69 29.85
N GLU A 21 29.54 10.44 29.22
CA GLU A 21 28.23 10.71 29.78
C GLU A 21 27.22 9.96 28.93
N GLU A 22 26.42 9.10 29.56
CA GLU A 22 25.44 8.33 28.83
C GLU A 22 24.30 9.24 28.34
N MET A 23 24.09 9.24 27.03
CA MET A 23 23.04 10.04 26.44
C MET A 23 22.54 9.37 25.19
N ASN A 24 21.33 9.71 24.79
CA ASN A 24 20.79 9.14 23.57
C ASN A 24 21.33 9.99 22.41
N TRP A 25 21.25 9.44 21.20
CA TRP A 25 21.75 10.12 20.02
C TRP A 25 21.38 11.60 19.93
N GLU A 26 20.09 11.92 20.02
CA GLU A 26 19.68 13.31 19.91
C GLU A 26 20.33 14.18 20.94
N ASP A 27 20.26 13.78 22.19
CA ASP A 27 20.85 14.62 23.23
C ASP A 27 22.37 14.75 23.06
N ALA A 28 23.00 13.68 22.61
CA ALA A 28 24.45 13.71 22.40
C ALA A 28 24.78 14.75 21.35
N GLU A 29 24.06 14.68 20.22
CA GLU A 29 24.24 15.60 19.09
C GLU A 29 23.98 17.05 19.51
N TRP A 30 22.95 17.27 20.31
CA TRP A 30 22.64 18.60 20.79
C TRP A 30 23.82 19.05 21.69
N PHE A 31 24.20 18.17 22.61
CA PHE A 31 25.32 18.46 23.49
C PHE A 31 26.54 18.92 22.66
N CYS A 32 26.94 18.11 21.69
CA CYS A 32 28.07 18.45 20.84
C CYS A 32 27.96 19.85 20.21
N THR A 33 26.80 20.19 19.67
CA THR A 33 26.66 21.49 19.04
C THR A 33 26.87 22.64 20.04
N LYS A 34 26.61 22.41 21.32
CA LYS A 34 26.82 23.46 22.33
C LYS A 34 28.31 23.67 22.65
N GLN A 35 29.13 22.65 22.43
CA GLN A 35 30.53 22.77 22.73
C GLN A 35 31.26 23.80 21.90
N ALA A 36 30.92 23.92 20.62
CA ALA A 36 31.64 24.87 19.78
C ALA A 36 30.94 25.06 18.45
N LYS A 37 31.39 26.06 17.71
CA LYS A 37 30.82 26.36 16.42
C LYS A 37 31.07 25.19 15.47
N GLY A 38 30.05 24.80 14.72
CA GLY A 38 30.19 23.71 13.79
C GLY A 38 30.37 22.32 14.36
N ALA A 39 30.27 22.19 15.68
CA ALA A 39 30.44 20.90 16.33
C ALA A 39 29.22 19.99 16.13
N HIS A 40 29.50 18.70 16.05
CA HIS A 40 28.49 17.68 15.85
C HIS A 40 29.07 16.39 16.40
N LEU A 41 28.26 15.34 16.39
CA LEU A 41 28.71 14.02 16.80
C LEU A 41 29.78 13.72 15.74
N VAL A 42 30.83 13.01 16.11
CA VAL A 42 31.89 12.71 15.16
C VAL A 42 31.41 12.07 13.86
N SER A 43 32.09 12.39 12.76
CA SER A 43 31.78 11.75 11.48
C SER A 43 33.13 11.15 11.02
N ILE A 44 33.14 9.92 10.52
CA ILE A 44 34.38 9.28 10.09
C ILE A 44 34.40 9.29 8.57
N LYS A 45 35.33 10.05 8.00
CA LYS A 45 35.36 10.17 6.56
C LYS A 45 36.55 9.56 5.84
N SER A 46 37.32 8.75 6.56
CA SER A 46 38.45 8.03 5.97
C SER A 46 39.03 7.05 6.98
N ALA A 47 39.65 6.00 6.46
CA ALA A 47 40.26 4.98 7.29
C ALA A 47 41.27 5.63 8.24
N LYS A 48 41.99 6.63 7.75
CA LYS A 48 42.95 7.28 8.62
C LYS A 48 42.22 7.92 9.80
N GLU A 49 41.13 8.63 9.55
CA GLU A 49 40.38 9.26 10.63
C GLU A 49 39.74 8.16 11.49
N ALA A 50 39.31 7.08 10.84
CA ALA A 50 38.69 5.97 11.57
C ALA A 50 39.68 5.40 12.57
N ASP A 51 40.93 5.21 12.13
CA ASP A 51 41.97 4.67 13.00
C ASP A 51 42.24 5.60 14.19
N PHE A 52 42.33 6.91 13.90
CA PHE A 52 42.60 7.88 14.95
C PHE A 52 41.46 7.89 15.95
N VAL A 53 40.21 7.96 15.48
CA VAL A 53 39.10 8.02 16.39
C VAL A 53 39.06 6.75 17.23
N ALA A 54 39.38 5.61 16.62
CA ALA A 54 39.34 4.36 17.37
C ALA A 54 40.39 4.43 18.47
N TRP A 55 41.59 4.83 18.10
CA TRP A 55 42.70 4.96 19.03
C TRP A 55 42.31 5.86 20.20
N MET A 56 41.72 7.01 19.90
CA MET A 56 41.33 7.95 20.94
C MET A 56 40.30 7.38 21.89
N VAL A 57 39.28 6.73 21.35
CA VAL A 57 38.23 6.16 22.18
C VAL A 57 38.85 5.17 23.15
N THR A 58 39.68 4.28 22.61
CA THR A 58 40.34 3.29 23.43
C THR A 58 41.09 3.90 24.62
N GLN A 59 41.78 5.00 24.39
CA GLN A 59 42.53 5.65 25.44
C GLN A 59 41.72 6.48 26.45
N ASN A 60 40.45 6.78 26.18
CA ASN A 60 39.72 7.63 27.11
C ASN A 60 38.35 7.20 27.57
N ILE A 61 37.86 6.11 27.00
CA ILE A 61 36.55 5.62 27.42
C ILE A 61 36.62 4.93 28.82
N GLU A 62 35.52 4.98 29.57
CA GLU A 62 35.44 4.34 30.89
C GLU A 62 35.38 2.84 30.68
N GLU A 63 36.09 2.06 31.49
CA GLU A 63 36.07 0.61 31.33
C GLU A 63 34.67 -0.01 31.41
N SER A 64 33.76 0.63 32.15
CA SER A 64 32.40 0.13 32.27
C SER A 64 31.63 0.24 30.95
N PHE A 65 31.78 1.36 30.27
CA PHE A 65 31.14 1.62 28.98
C PHE A 65 31.82 0.83 27.86
N SER A 66 31.05 0.46 26.84
CA SER A 66 31.62 -0.31 25.74
C SER A 66 31.16 0.16 24.36
N HIS A 67 30.13 1.00 24.34
CA HIS A 67 29.59 1.50 23.09
C HIS A 67 29.68 3.00 23.04
N VAL A 68 29.96 3.51 21.85
CA VAL A 68 30.07 4.95 21.68
C VAL A 68 29.36 5.39 20.40
N SER A 69 28.56 6.44 20.54
CA SER A 69 27.78 6.99 19.43
C SER A 69 28.58 7.79 18.39
N ILE A 70 28.13 7.74 17.13
CA ILE A 70 28.74 8.51 16.06
C ILE A 70 27.61 9.19 15.29
N GLY A 71 27.93 10.19 14.46
CA GLY A 71 26.92 10.97 13.75
C GLY A 71 26.05 10.41 12.62
N LEU A 72 26.17 9.13 12.30
CA LEU A 72 25.36 8.54 11.22
C LEU A 72 23.93 8.22 11.66
N ARG A 73 22.96 8.71 10.89
CA ARG A 73 21.57 8.46 11.21
C ARG A 73 20.70 8.34 9.96
N VAL A 74 19.67 7.51 10.06
CA VAL A 74 18.71 7.28 8.99
C VAL A 74 17.81 8.49 8.80
N GLN A 75 17.70 8.98 7.58
CA GLN A 75 16.85 10.15 7.35
C GLN A 75 15.39 9.77 7.11
N ASN A 76 15.17 8.57 6.58
CA ASN A 76 13.84 8.09 6.30
C ASN A 76 12.92 8.28 7.49
N LYS A 77 11.65 8.61 7.20
CA LYS A 77 10.65 8.83 8.22
C LYS A 77 9.88 7.58 8.62
N GLU A 78 9.76 6.61 7.70
CA GLU A 78 9.08 5.33 7.95
C GLU A 78 9.79 4.50 9.03
N LYS A 79 9.11 3.49 9.59
CA LYS A 79 9.69 2.63 10.63
C LYS A 79 10.95 1.89 10.22
N GLN A 80 10.98 1.42 8.99
CA GLN A 80 12.12 0.71 8.44
C GLN A 80 12.17 1.18 6.97
N CYS A 81 13.26 0.92 6.26
CA CYS A 81 13.42 1.46 4.92
C CYS A 81 13.10 0.64 3.71
N SER A 82 12.48 -0.50 3.93
CA SER A 82 12.09 -1.34 2.80
C SER A 82 10.73 -0.81 2.35
N THR A 83 10.65 -0.25 1.16
CA THR A 83 9.38 0.27 0.67
C THR A 83 8.54 -0.77 -0.05
N LYS A 84 9.13 -1.90 -0.42
CA LYS A 84 8.35 -2.97 -1.08
C LYS A 84 8.59 -4.36 -0.50
N TRP A 85 7.55 -5.19 -0.55
CA TRP A 85 7.62 -6.57 -0.07
C TRP A 85 8.15 -7.39 -1.24
N SER A 86 8.56 -8.62 -0.96
CA SER A 86 9.09 -9.48 -2.00
C SER A 86 8.12 -9.74 -3.15
N ASP A 87 6.82 -9.55 -2.89
CA ASP A 87 5.81 -9.76 -3.94
C ASP A 87 5.55 -8.51 -4.77
N GLY A 88 6.35 -7.46 -4.54
CA GLY A 88 6.18 -6.26 -5.33
C GLY A 88 5.23 -5.20 -4.77
N SER A 89 4.38 -5.58 -3.82
CA SER A 89 3.45 -4.62 -3.25
C SER A 89 4.18 -3.62 -2.36
N SER A 90 3.57 -2.48 -2.12
CA SER A 90 4.20 -1.49 -1.27
C SER A 90 3.99 -1.76 0.22
N VAL A 91 4.94 -1.28 1.01
CA VAL A 91 4.89 -1.42 2.46
C VAL A 91 4.20 -0.18 3.03
N SER A 92 2.87 -0.23 3.01
CA SER A 92 2.00 0.82 3.48
C SER A 92 1.47 0.56 4.89
N TYR A 93 1.70 -0.65 5.36
CA TYR A 93 1.25 -1.03 6.69
C TYR A 93 2.52 -1.54 7.37
N ASP A 94 2.82 -1.05 8.56
CA ASP A 94 4.05 -1.48 9.21
C ASP A 94 3.90 -1.55 10.72
N ASN A 95 4.05 -2.75 11.27
CA ASN A 95 3.92 -2.97 12.70
C ASN A 95 5.23 -3.32 13.37
N LEU A 96 6.33 -2.81 12.84
CA LEU A 96 7.62 -3.09 13.47
C LEU A 96 7.64 -2.46 14.86
N LEU A 97 8.19 -3.18 15.82
CA LEU A 97 8.28 -2.71 17.21
C LEU A 97 9.38 -1.67 17.34
N ASP A 98 9.13 -0.63 18.13
CA ASP A 98 10.09 0.46 18.36
C ASP A 98 11.44 -0.12 18.78
N LEU A 99 11.37 -1.15 19.61
CA LEU A 99 12.54 -1.81 20.12
C LEU A 99 13.44 -2.30 18.99
N TYR A 100 12.86 -2.49 17.81
CA TYR A 100 13.63 -3.00 16.67
C TYR A 100 13.93 -1.99 15.58
N ILE A 101 13.63 -0.73 15.86
CA ILE A 101 13.90 0.35 14.93
C ILE A 101 15.29 0.85 15.28
N THR A 102 16.25 0.55 14.42
CA THR A 102 17.62 0.95 14.66
C THR A 102 18.11 1.94 13.62
N LYS A 103 17.79 3.22 13.84
CA LYS A 103 18.14 4.30 12.94
C LYS A 103 19.42 5.07 13.27
N CYS A 104 20.13 4.65 14.30
CA CYS A 104 21.35 5.32 14.68
C CYS A 104 22.56 4.40 14.53
N SER A 105 23.74 4.90 14.88
CA SER A 105 24.95 4.08 14.75
C SER A 105 25.90 4.27 15.92
N LEU A 106 26.84 3.33 16.03
CA LEU A 106 27.80 3.39 17.11
C LEU A 106 29.03 2.55 16.83
N LEU A 107 30.00 2.66 17.73
CA LEU A 107 31.22 1.89 17.64
C LEU A 107 31.28 1.06 18.92
N LYS A 108 31.89 -0.11 18.85
CA LYS A 108 32.00 -0.95 20.03
C LYS A 108 33.42 -1.46 20.30
N LYS A 109 33.71 -1.62 21.58
CA LYS A 109 35.01 -2.11 22.06
C LYS A 109 35.34 -3.50 21.55
N GLU A 110 34.32 -4.33 21.34
CA GLU A 110 34.51 -5.68 20.87
C GLU A 110 35.27 -5.75 19.55
N THR A 111 35.22 -4.69 18.75
CA THR A 111 35.94 -4.69 17.47
C THR A 111 37.01 -3.62 17.40
N GLY A 112 37.49 -3.19 18.56
CA GLY A 112 38.51 -2.18 18.60
C GLY A 112 37.99 -0.81 18.17
N PHE A 113 36.67 -0.65 18.28
CA PHE A 113 36.01 0.59 17.90
C PHE A 113 36.20 0.90 16.42
N ARG A 114 36.19 -0.12 15.59
CA ARG A 114 36.36 0.17 14.21
C ARG A 114 35.11 0.16 13.33
N LYS A 115 34.62 -0.98 12.91
CA LYS A 115 33.43 -0.97 12.04
C LYS A 115 32.19 -0.27 12.65
N TRP A 116 31.23 0.12 11.81
CA TRP A 116 30.03 0.80 12.31
C TRP A 116 28.84 -0.14 12.50
N PHE A 117 28.09 0.03 13.59
CA PHE A 117 26.94 -0.82 13.86
C PHE A 117 25.64 -0.01 13.98
N VAL A 118 24.53 -0.54 13.47
CA VAL A 118 23.25 0.18 13.56
C VAL A 118 22.73 -0.02 14.96
N ALA A 119 21.97 0.95 15.46
CA ALA A 119 21.47 0.85 16.81
C ALA A 119 20.25 1.71 17.09
N SER A 120 19.58 1.39 18.18
CA SER A 120 18.41 2.14 18.61
C SER A 120 18.87 3.53 18.98
N CYS A 121 18.06 4.53 18.66
CA CYS A 121 18.44 5.89 19.01
C CYS A 121 18.04 6.26 20.42
N ILE A 122 17.34 5.38 21.13
CA ILE A 122 16.93 5.70 22.50
C ILE A 122 17.88 5.14 23.56
N GLY A 123 18.97 4.53 23.11
CA GLY A 123 19.93 4.01 24.07
C GLY A 123 20.79 5.13 24.61
N LYS A 124 21.22 5.01 25.86
CA LYS A 124 22.06 6.04 26.47
C LYS A 124 23.49 5.55 26.62
N ILE A 125 24.40 6.11 25.84
CA ILE A 125 25.80 5.71 25.87
C ILE A 125 26.73 6.89 25.66
N PRO A 126 28.04 6.65 25.85
CA PRO A 126 29.06 7.69 25.67
C PRO A 126 29.06 8.05 24.19
N PHE A 127 29.74 9.13 23.86
CA PHE A 127 29.75 9.60 22.49
C PHE A 127 30.94 10.51 22.24
N VAL A 128 31.35 10.63 21.00
CA VAL A 128 32.45 11.53 20.69
C VAL A 128 32.01 12.71 19.83
N CYS A 129 32.47 13.90 20.19
CA CYS A 129 32.13 15.10 19.44
C CYS A 129 33.29 15.48 18.54
N LYS A 130 32.98 16.34 17.56
CA LYS A 130 33.97 16.79 16.61
C LYS A 130 33.62 18.14 16.06
N PHE A 131 34.63 18.99 15.89
CA PHE A 131 34.40 20.30 15.31
C PHE A 131 35.69 20.82 14.72
N PRO A 132 35.59 21.80 13.79
CA PRO A 132 36.77 22.37 13.17
C PRO A 132 37.18 23.67 13.84
N PRO A 133 38.37 23.71 14.46
CA PRO A 133 38.83 24.92 15.14
C PRO A 133 39.11 26.06 14.15
N GLN A 134 39.02 27.31 14.61
CA GLN A 134 39.29 28.43 13.73
C GLN A 134 40.71 28.97 13.79
N CYS A 135 41.16 29.50 12.65
CA CYS A 135 42.50 30.08 12.51
C CYS A 135 42.48 31.42 11.78
N PHE B 3 -13.06 -16.81 -6.91
CA PHE B 3 -11.98 -17.87 -7.12
C PHE B 3 -11.59 -18.56 -5.83
N CYS B 4 -11.36 -19.87 -5.94
CA CYS B 4 -11.00 -20.69 -4.81
C CYS B 4 -9.51 -20.90 -4.63
N CYS B 5 -9.14 -21.37 -3.45
CA CYS B 5 -7.72 -21.61 -3.17
C CYS B 5 -7.44 -23.08 -3.34
N PRO B 6 -6.20 -23.42 -3.71
CA PRO B 6 -5.82 -24.82 -3.88
C PRO B 6 -6.02 -25.57 -2.55
N SER B 7 -6.16 -26.89 -2.62
CA SER B 7 -6.33 -27.64 -1.39
C SER B 7 -5.07 -27.48 -0.53
N HIS B 8 -5.25 -27.54 0.78
CA HIS B 8 -4.16 -27.38 1.74
C HIS B 8 -3.66 -25.93 1.82
N TRP B 9 -4.50 -25.00 1.38
CA TRP B 9 -4.16 -23.59 1.45
C TRP B 9 -5.37 -22.96 2.10
N SER B 10 -5.14 -21.88 2.85
CA SER B 10 -6.22 -21.20 3.53
C SER B 10 -6.54 -19.96 2.75
N SER B 11 -7.76 -19.47 2.91
CA SER B 11 -8.14 -18.30 2.16
C SER B 11 -8.60 -17.17 3.05
N TYR B 12 -8.27 -15.96 2.63
CA TYR B 12 -8.65 -14.76 3.35
C TYR B 12 -8.69 -13.65 2.32
N ASP B 13 -9.72 -12.84 2.42
CA ASP B 13 -9.93 -11.77 1.47
C ASP B 13 -9.95 -12.49 0.12
N ARG B 14 -9.10 -12.08 -0.80
CA ARG B 14 -9.11 -12.72 -2.09
C ARG B 14 -7.77 -13.32 -2.38
N TYR B 15 -7.08 -13.68 -1.31
CA TYR B 15 -5.74 -14.22 -1.44
C TYR B 15 -5.68 -15.62 -0.84
N CYS B 16 -4.58 -16.33 -1.12
CA CYS B 16 -4.40 -17.67 -0.60
C CYS B 16 -3.13 -17.71 0.24
N TYR B 17 -3.24 -18.35 1.39
CA TYR B 17 -2.11 -18.46 2.31
C TYR B 17 -1.82 -19.90 2.70
N LYS B 18 -0.57 -20.18 3.00
CA LYS B 18 -0.17 -21.51 3.43
C LYS B 18 1.08 -21.42 4.27
N VAL B 19 1.03 -22.02 5.46
CA VAL B 19 2.20 -22.00 6.33
C VAL B 19 3.08 -23.22 6.13
N PHE B 20 4.39 -22.99 6.09
CA PHE B 20 5.37 -24.05 5.94
C PHE B 20 6.29 -24.14 7.17
N LYS B 21 6.44 -25.35 7.75
CA LYS B 21 7.26 -25.55 8.95
C LYS B 21 8.74 -25.56 8.66
N GLN B 22 9.15 -26.14 7.54
CA GLN B 22 10.59 -26.20 7.24
C GLN B 22 11.22 -24.88 7.62
N GLU B 23 12.36 -24.92 8.27
CA GLU B 23 13.02 -23.70 8.67
C GLU B 23 14.06 -23.34 7.61
N MET B 24 13.87 -22.20 6.94
CA MET B 24 14.81 -21.78 5.91
C MET B 24 15.26 -20.35 6.14
N THR B 25 16.26 -19.91 5.37
CA THR B 25 16.77 -18.54 5.45
C THR B 25 15.75 -17.69 4.71
N TRP B 26 15.83 -16.38 4.86
CA TRP B 26 14.89 -15.48 4.18
C TRP B 26 14.88 -15.74 2.67
N ALA B 27 16.06 -15.62 2.07
CA ALA B 27 16.22 -15.80 0.65
C ALA B 27 15.65 -17.12 0.18
N ASP B 28 15.90 -18.18 0.94
CA ASP B 28 15.40 -19.50 0.57
C ASP B 28 13.90 -19.60 0.71
N ALA B 29 13.36 -19.09 1.82
CA ALA B 29 11.93 -19.16 1.99
C ALA B 29 11.24 -18.49 0.80
N GLU B 30 11.71 -17.31 0.41
CA GLU B 30 11.12 -16.58 -0.69
C GLU B 30 11.18 -17.39 -1.99
N LYS B 31 12.35 -17.95 -2.31
CA LYS B 31 12.46 -18.73 -3.53
C LYS B 31 11.49 -19.91 -3.49
N PHE B 32 11.46 -20.58 -2.34
CA PHE B 32 10.60 -21.71 -2.10
C PHE B 32 9.15 -21.34 -2.40
N CYS B 33 8.70 -20.21 -1.85
CA CYS B 33 7.32 -19.78 -2.05
C CYS B 33 7.07 -19.64 -3.52
N THR B 34 8.08 -19.10 -4.21
CA THR B 34 8.01 -18.88 -5.64
C THR B 34 7.72 -20.13 -6.42
N GLN B 35 8.22 -21.26 -5.93
CA GLN B 35 8.07 -22.54 -6.59
C GLN B 35 6.79 -23.27 -6.26
N GLN B 36 6.12 -22.82 -5.19
CA GLN B 36 4.88 -23.46 -4.75
C GLN B 36 3.65 -23.18 -5.60
N HIS B 37 3.59 -22.03 -6.25
CA HIS B 37 2.42 -21.66 -7.04
C HIS B 37 2.72 -20.38 -7.79
N THR B 38 1.97 -20.09 -8.85
CA THR B 38 2.20 -18.86 -9.58
C THR B 38 1.78 -17.71 -8.69
N GLY B 39 2.54 -16.62 -8.74
CA GLY B 39 2.24 -15.45 -7.94
C GLY B 39 2.52 -15.62 -6.44
N SER B 40 3.11 -16.74 -6.06
CA SER B 40 3.39 -16.99 -4.66
C SER B 40 4.68 -16.36 -4.19
N HIS B 41 4.64 -15.82 -2.96
CA HIS B 41 5.76 -15.17 -2.31
C HIS B 41 5.60 -15.23 -0.79
N LEU B 42 6.58 -14.73 -0.06
CA LEU B 42 6.46 -14.67 1.38
C LEU B 42 5.29 -13.72 1.66
N VAL B 43 4.53 -13.98 2.72
CA VAL B 43 3.38 -13.13 3.05
C VAL B 43 3.76 -11.67 3.10
N SER B 44 2.79 -10.85 2.74
CA SER B 44 2.94 -9.41 2.84
C SER B 44 1.64 -8.99 3.57
N PHE B 45 1.68 -7.91 4.33
CA PHE B 45 0.50 -7.46 5.06
C PHE B 45 0.09 -6.03 4.72
N HIS B 46 -1.21 -5.81 4.55
CA HIS B 46 -1.70 -4.48 4.25
C HIS B 46 -2.86 -4.04 5.14
N SER B 47 -3.02 -4.72 6.27
CA SER B 47 -4.08 -4.40 7.23
C SER B 47 -3.89 -5.21 8.51
N THR B 48 -4.51 -4.72 9.57
CA THR B 48 -4.43 -5.41 10.85
C THR B 48 -5.19 -6.73 10.74
N GLU B 49 -6.39 -6.68 10.16
CA GLU B 49 -7.21 -7.88 9.99
C GLU B 49 -6.44 -9.02 9.33
N GLU B 50 -5.67 -8.70 8.28
CA GLU B 50 -4.90 -9.72 7.60
C GLU B 50 -3.81 -10.31 8.50
N VAL B 51 -3.10 -9.47 9.24
CA VAL B 51 -2.06 -10.00 10.11
C VAL B 51 -2.73 -10.97 11.10
N ASP B 52 -3.85 -10.55 11.66
CA ASP B 52 -4.61 -11.36 12.60
C ASP B 52 -4.85 -12.75 12.04
N PHE B 53 -5.40 -12.78 10.83
CA PHE B 53 -5.66 -14.04 10.17
C PHE B 53 -4.44 -14.95 10.04
N VAL B 54 -3.31 -14.46 9.52
CA VAL B 54 -2.17 -15.37 9.41
C VAL B 54 -1.58 -15.72 10.75
N VAL B 55 -1.74 -14.84 11.74
CA VAL B 55 -1.21 -15.14 13.07
C VAL B 55 -2.02 -16.29 13.69
N LYS B 56 -3.34 -16.21 13.61
CA LYS B 56 -4.19 -17.28 14.13
C LYS B 56 -3.88 -18.55 13.36
N MET B 57 -3.92 -18.44 12.05
CA MET B 57 -3.64 -19.58 11.21
C MET B 57 -2.25 -20.18 11.52
N THR B 58 -1.28 -19.31 11.77
CA THR B 58 0.09 -19.74 12.03
C THR B 58 0.30 -20.31 13.44
N HIS B 59 -0.41 -19.74 14.41
CA HIS B 59 -0.29 -20.19 15.80
C HIS B 59 -0.82 -21.61 16.02
N GLN B 60 -1.82 -21.99 15.23
CA GLN B 60 -2.41 -23.31 15.35
C GLN B 60 -1.67 -24.38 14.56
N SER B 61 -0.65 -24.00 13.81
CA SER B 61 0.09 -25.00 13.04
C SER B 61 1.56 -25.04 13.43
N LEU B 62 2.17 -23.87 13.59
CA LEU B 62 3.58 -23.84 13.96
C LEU B 62 3.85 -24.06 15.44
N LYS B 63 4.98 -24.72 15.73
CA LYS B 63 5.37 -24.99 17.10
C LYS B 63 6.36 -23.89 17.48
N SER B 64 7.01 -23.31 16.48
CA SER B 64 7.97 -22.23 16.69
C SER B 64 7.20 -21.01 17.20
N THR B 65 7.86 -19.87 17.16
CA THR B 65 7.20 -18.66 17.62
C THR B 65 7.35 -17.56 16.59
N PHE B 66 8.33 -17.72 15.71
CA PHE B 66 8.61 -16.72 14.70
C PHE B 66 8.65 -17.23 13.27
N PHE B 67 8.11 -16.44 12.35
CA PHE B 67 8.15 -16.81 10.95
C PHE B 67 8.46 -15.63 10.05
N TRP B 68 9.19 -15.96 9.00
CA TRP B 68 9.63 -15.00 8.02
C TRP B 68 8.46 -14.29 7.32
N ILE B 69 8.69 -13.00 7.02
CA ILE B 69 7.77 -12.08 6.34
C ILE B 69 8.48 -11.57 5.09
N GLY B 70 7.71 -11.17 4.08
CA GLY B 70 8.28 -10.70 2.81
C GLY B 70 9.09 -9.41 2.68
N ALA B 71 9.77 -8.97 3.74
CA ALA B 71 10.56 -7.76 3.67
C ALA B 71 12.01 -8.07 4.07
N ASN B 72 12.96 -7.64 3.26
CA ASN B 72 14.36 -7.92 3.60
C ASN B 72 15.27 -6.69 3.52
N ASN B 73 16.44 -6.80 4.13
CA ASN B 73 17.46 -5.74 4.12
C ASN B 73 16.89 -4.40 4.53
N ILE B 74 16.12 -4.41 5.61
CA ILE B 74 15.45 -3.22 6.07
C ILE B 74 16.32 -2.01 6.45
N TRP B 75 17.59 -2.21 6.71
CA TRP B 75 18.42 -1.06 7.07
C TRP B 75 19.47 -0.75 6.00
N ASN B 76 19.60 -1.62 5.02
CA ASN B 76 20.58 -1.40 3.97
C ASN B 76 20.11 -0.41 2.91
N LYS B 77 18.79 -0.32 2.79
CA LYS B 77 18.17 0.56 1.80
C LYS B 77 18.07 2.00 2.29
N CYS B 78 18.18 2.19 3.61
CA CYS B 78 18.07 3.52 4.21
C CYS B 78 18.99 4.56 3.63
N ASN B 79 18.62 5.80 3.90
CA ASN B 79 19.40 6.97 3.49
C ASN B 79 20.14 7.46 4.75
N TRP B 80 21.38 7.03 4.91
CA TRP B 80 22.16 7.43 6.07
C TRP B 80 22.90 8.75 5.78
N GLN B 81 22.95 9.62 6.78
CA GLN B 81 23.59 10.92 6.67
C GLN B 81 24.28 11.30 7.98
N TRP B 82 25.41 12.01 7.89
CA TRP B 82 26.12 12.43 9.10
C TRP B 82 25.40 13.65 9.67
N SER B 83 25.29 13.73 10.98
CA SER B 83 24.62 14.84 11.61
C SER B 83 25.22 16.18 11.18
N ASP B 84 26.41 16.11 10.62
CA ASP B 84 27.10 17.32 10.16
C ASP B 84 26.65 17.67 8.75
N GLY B 85 25.59 17.01 8.28
CA GLY B 85 25.05 17.29 6.97
C GLY B 85 25.56 16.50 5.78
N THR B 86 26.85 16.22 5.77
CA THR B 86 27.46 15.49 4.65
C THR B 86 26.97 14.05 4.47
N LYS B 87 27.26 13.49 3.30
CA LYS B 87 26.85 12.12 3.00
C LYS B 87 28.02 11.17 3.18
N PRO B 88 27.74 9.95 3.64
CA PRO B 88 28.76 8.94 3.86
C PRO B 88 29.40 8.43 2.57
N GLU B 89 30.37 9.19 2.08
CA GLU B 89 31.11 8.82 0.88
C GLU B 89 31.94 7.59 1.32
N TYR B 90 32.84 7.80 2.29
CA TYR B 90 33.65 6.72 2.83
C TYR B 90 32.76 5.90 3.76
N LYS B 91 32.80 4.59 3.61
CA LYS B 91 31.97 3.70 4.42
C LYS B 91 32.83 2.63 5.13
N GLU B 92 32.40 2.24 6.33
CA GLU B 92 33.09 1.24 7.12
C GLU B 92 32.04 0.45 7.91
N TRP B 93 30.91 0.18 7.28
CA TRP B 93 29.84 -0.53 7.97
C TRP B 93 30.22 -1.97 8.28
N HIS B 94 29.47 -2.56 9.18
CA HIS B 94 29.65 -3.95 9.52
C HIS B 94 28.54 -4.67 8.73
N GLU B 95 28.92 -5.52 7.78
CA GLU B 95 27.95 -6.28 6.97
C GLU B 95 26.80 -6.81 7.84
N GLU B 96 25.59 -6.26 7.65
CA GLU B 96 24.44 -6.72 8.44
C GLU B 96 23.15 -6.68 7.61
N PHE B 97 22.40 -7.77 7.62
CA PHE B 97 21.15 -7.82 6.86
C PHE B 97 19.99 -8.31 7.70
N GLU B 98 19.11 -7.40 8.08
CA GLU B 98 17.95 -7.72 8.89
C GLU B 98 16.70 -7.88 8.01
N CYS B 99 15.91 -8.90 8.32
CA CYS B 99 14.69 -9.17 7.59
C CYS B 99 13.56 -9.21 8.60
N LEU B 100 12.35 -8.92 8.16
CA LEU B 100 11.22 -8.93 9.09
C LEU B 100 10.67 -10.32 9.39
N ILE B 101 10.15 -10.50 10.61
CA ILE B 101 9.57 -11.75 11.06
C ILE B 101 8.32 -11.39 11.85
N SER B 102 7.34 -12.29 11.89
CA SER B 102 6.13 -12.06 12.66
C SER B 102 6.12 -12.95 13.92
N ARG B 103 5.28 -12.61 14.88
CA ARG B 103 5.14 -13.37 16.14
C ARG B 103 3.95 -14.27 15.95
N THR B 104 3.87 -15.32 16.75
CA THR B 104 2.76 -16.23 16.61
C THR B 104 1.73 -15.95 17.68
N PHE B 105 1.99 -14.96 18.52
CA PHE B 105 1.10 -14.63 19.62
C PHE B 105 0.75 -13.14 19.71
N ASP B 106 1.07 -12.41 18.64
CA ASP B 106 0.83 -10.98 18.63
C ASP B 106 0.82 -10.46 17.20
N ASN B 107 0.33 -9.24 17.01
CA ASN B 107 0.29 -8.61 15.70
C ASN B 107 1.52 -7.75 15.41
N GLN B 108 2.44 -7.66 16.37
CA GLN B 108 3.64 -6.85 16.19
C GLN B 108 4.75 -7.63 15.49
N TRP B 109 5.57 -6.93 14.72
CA TRP B 109 6.68 -7.55 13.98
C TRP B 109 8.06 -7.20 14.57
N LEU B 110 9.06 -7.96 14.18
CA LEU B 110 10.41 -7.74 14.64
C LEU B 110 11.27 -8.03 13.43
N SER B 111 12.58 -8.12 13.65
CA SER B 111 13.52 -8.40 12.59
C SER B 111 14.49 -9.46 13.08
N ALA B 112 15.31 -9.97 12.16
CA ALA B 112 16.30 -11.00 12.45
C ALA B 112 17.29 -11.09 11.29
N PRO B 113 18.55 -11.46 11.58
CA PRO B 113 19.50 -11.57 10.47
C PRO B 113 18.93 -12.49 9.40
N CYS B 114 18.97 -12.03 8.16
CA CYS B 114 18.42 -12.76 7.05
C CYS B 114 19.04 -14.14 6.86
N SER B 115 20.23 -14.35 7.42
CA SER B 115 20.91 -15.65 7.31
C SER B 115 20.37 -16.62 8.37
N ASP B 116 19.57 -16.11 9.31
CA ASP B 116 18.98 -16.95 10.35
C ASP B 116 18.01 -17.94 9.72
N THR B 117 17.45 -18.82 10.54
CA THR B 117 16.55 -19.86 10.02
C THR B 117 15.22 -19.96 10.76
N TYR B 118 14.15 -19.64 10.06
CA TYR B 118 12.82 -19.67 10.68
C TYR B 118 11.80 -20.30 9.72
N SER B 119 10.60 -20.57 10.25
CA SER B 119 9.51 -21.14 9.47
C SER B 119 8.96 -19.96 8.67
N PHE B 120 7.88 -20.16 7.92
CA PHE B 120 7.30 -19.07 7.14
C PHE B 120 5.93 -19.36 6.54
N VAL B 121 5.37 -18.36 5.87
CA VAL B 121 4.09 -18.54 5.22
C VAL B 121 4.14 -17.88 3.86
N CYS B 122 3.54 -18.54 2.87
CA CYS B 122 3.50 -18.07 1.49
C CYS B 122 2.13 -17.52 1.17
N LYS B 123 2.07 -16.65 0.17
CA LYS B 123 0.83 -16.01 -0.24
C LYS B 123 0.79 -15.74 -1.74
N PHE B 124 -0.41 -15.75 -2.31
CA PHE B 124 -0.62 -15.43 -3.73
C PHE B 124 -2.09 -15.02 -3.94
N GLU B 125 -2.33 -14.23 -4.99
CA GLU B 125 -3.68 -13.76 -5.33
C GLU B 125 -4.45 -14.75 -6.17
N ALA B 126 -5.63 -14.34 -6.63
CA ALA B 126 -6.51 -15.20 -7.42
C ALA B 126 -6.89 -16.32 -6.52
N HIS C 3 -31.99 -19.08 -41.01
CA HIS C 3 -30.66 -19.20 -40.33
C HIS C 3 -30.70 -19.28 -38.80
N CYS C 4 -31.82 -18.95 -38.18
CA CYS C 4 -31.86 -19.06 -36.73
C CYS C 4 -33.11 -19.58 -36.07
N PRO C 5 -32.97 -20.12 -34.84
CA PRO C 5 -34.12 -20.66 -34.12
C PRO C 5 -35.30 -19.67 -34.02
N SER C 6 -36.47 -20.21 -33.69
CA SER C 6 -37.66 -19.38 -33.55
C SER C 6 -37.44 -18.37 -32.45
N ASP C 7 -38.01 -17.19 -32.65
CA ASP C 7 -37.93 -16.10 -31.69
C ASP C 7 -36.58 -15.39 -31.69
N TRP C 8 -35.63 -15.92 -32.46
CA TRP C 8 -34.34 -15.27 -32.56
C TRP C 8 -34.32 -14.42 -33.83
N TYR C 9 -33.59 -13.31 -33.78
CA TYR C 9 -33.47 -12.42 -34.93
C TYR C 9 -32.11 -12.61 -35.59
N TYR C 10 -32.09 -12.54 -36.90
CA TYR C 10 -30.82 -12.68 -37.60
C TYR C 10 -30.37 -11.33 -38.14
N TYR C 11 -29.22 -10.85 -37.68
CA TYR C 11 -28.67 -9.59 -38.15
C TYR C 11 -27.21 -9.85 -38.52
N ASP C 12 -26.77 -9.28 -39.65
CA ASP C 12 -25.42 -9.45 -40.19
C ASP C 12 -25.12 -10.95 -40.24
N GLN C 13 -24.23 -11.42 -39.38
CA GLN C 13 -23.90 -12.85 -39.40
C GLN C 13 -24.18 -13.57 -38.09
N HIS C 14 -24.92 -12.92 -37.20
CA HIS C 14 -25.24 -13.51 -35.91
C HIS C 14 -26.73 -13.55 -35.57
N CYS C 15 -27.04 -14.28 -34.52
CA CYS C 15 -28.40 -14.35 -34.03
C CYS C 15 -28.51 -13.73 -32.67
N TYR C 16 -29.54 -12.92 -32.48
CA TYR C 16 -29.73 -12.25 -31.23
C TYR C 16 -31.11 -12.58 -30.72
N ARG C 17 -31.30 -12.41 -29.41
CA ARG C 17 -32.59 -12.61 -28.77
C ARG C 17 -32.58 -12.06 -27.36
N ILE C 18 -33.63 -11.34 -27.00
CA ILE C 18 -33.71 -10.82 -25.65
C ILE C 18 -34.61 -11.75 -24.83
N PHE C 19 -34.16 -12.15 -23.65
CA PHE C 19 -34.98 -13.00 -22.81
C PHE C 19 -35.53 -12.14 -21.67
N ASN C 20 -36.85 -12.15 -21.49
CA ASN C 20 -37.43 -11.34 -20.42
C ASN C 20 -37.44 -12.08 -19.09
N GLU C 21 -36.35 -12.76 -18.79
CA GLU C 21 -36.24 -13.45 -17.53
C GLU C 21 -35.20 -12.72 -16.71
N GLU C 22 -35.57 -12.29 -15.51
CA GLU C 22 -34.65 -11.56 -14.67
C GLU C 22 -33.54 -12.48 -14.15
N MET C 23 -32.30 -12.12 -14.45
CA MET C 23 -31.15 -12.90 -13.99
C MET C 23 -29.97 -11.98 -13.79
N ASN C 24 -29.03 -12.42 -12.96
CA ASN C 24 -27.84 -11.62 -12.74
C ASN C 24 -26.89 -11.92 -13.91
N TRP C 25 -25.91 -11.05 -14.11
CA TRP C 25 -24.95 -11.19 -15.18
C TRP C 25 -24.41 -12.61 -15.38
N GLU C 26 -23.88 -13.21 -14.32
CA GLU C 26 -23.31 -14.54 -14.44
C GLU C 26 -24.30 -15.56 -14.93
N ASP C 27 -25.49 -15.58 -14.30
CA ASP C 27 -26.48 -16.55 -14.70
C ASP C 27 -26.97 -16.29 -16.11
N ALA C 28 -27.05 -15.02 -16.49
CA ALA C 28 -27.49 -14.68 -17.83
C ALA C 28 -26.49 -15.24 -18.85
N GLU C 29 -25.21 -14.98 -18.59
CA GLU C 29 -24.12 -15.43 -19.45
C GLU C 29 -24.09 -16.96 -19.56
N TRP C 30 -24.27 -17.63 -18.42
CA TRP C 30 -24.31 -19.08 -18.43
C TRP C 30 -25.51 -19.52 -19.28
N PHE C 31 -26.66 -18.90 -19.04
CA PHE C 31 -27.86 -19.24 -19.79
C PHE C 31 -27.58 -19.13 -21.28
N CYS C 32 -27.07 -17.98 -21.72
CA CYS C 32 -26.75 -17.80 -23.12
C CYS C 32 -25.87 -18.92 -23.69
N THR C 33 -24.80 -19.27 -22.99
CA THR C 33 -23.93 -20.32 -23.51
C THR C 33 -24.67 -21.66 -23.74
N LYS C 34 -25.75 -21.90 -23.00
CA LYS C 34 -26.49 -23.16 -23.15
C LYS C 34 -27.36 -23.14 -24.40
N GLN C 35 -27.72 -21.96 -24.86
CA GLN C 35 -28.58 -21.86 -26.01
C GLN C 35 -27.97 -22.40 -27.28
N ALA C 36 -26.68 -22.17 -27.48
CA ALA C 36 -26.07 -22.63 -28.71
C ALA C 36 -24.55 -22.55 -28.63
N LYS C 37 -23.89 -23.14 -29.62
CA LYS C 37 -22.44 -23.12 -29.69
C LYS C 37 -21.95 -21.68 -29.87
N GLY C 38 -20.94 -21.30 -29.11
CA GLY C 38 -20.41 -19.96 -29.20
C GLY C 38 -21.28 -18.82 -28.71
N ALA C 39 -22.41 -19.16 -28.12
CA ALA C 39 -23.32 -18.14 -27.61
C ALA C 39 -22.80 -17.48 -26.33
N HIS C 40 -23.08 -16.20 -26.21
CA HIS C 40 -22.68 -15.41 -25.06
C HIS C 40 -23.69 -14.27 -24.94
N LEU C 41 -23.55 -13.49 -23.87
CA LEU C 41 -24.37 -12.29 -23.70
C LEU C 41 -23.96 -11.44 -24.92
N VAL C 42 -24.89 -10.69 -25.47
CA VAL C 42 -24.58 -9.88 -26.63
C VAL C 42 -23.34 -8.99 -26.46
N SER C 43 -22.62 -8.75 -27.56
CA SER C 43 -21.49 -7.83 -27.53
C SER C 43 -21.79 -6.87 -28.68
N ILE C 44 -21.59 -5.57 -28.46
CA ILE C 44 -21.86 -4.57 -29.49
C ILE C 44 -20.52 -4.10 -30.05
N LYS C 45 -20.28 -4.42 -31.32
CA LYS C 45 -19.01 -4.07 -31.91
C LYS C 45 -19.02 -3.00 -33.01
N SER C 46 -20.14 -2.30 -33.16
CA SER C 46 -20.26 -1.22 -34.12
C SER C 46 -21.59 -0.52 -33.93
N ALA C 47 -21.63 0.75 -34.32
CA ALA C 47 -22.84 1.54 -34.22
C ALA C 47 -23.97 0.87 -34.99
N LYS C 48 -23.64 0.24 -36.12
CA LYS C 48 -24.70 -0.42 -36.85
C LYS C 48 -25.30 -1.53 -36.00
N GLU C 49 -24.45 -2.33 -35.37
CA GLU C 49 -24.94 -3.41 -34.53
C GLU C 49 -25.65 -2.83 -33.31
N ALA C 50 -25.12 -1.72 -32.81
CA ALA C 50 -25.73 -1.06 -31.66
C ALA C 50 -27.15 -0.65 -31.99
N ASP C 51 -27.34 -0.03 -33.16
CA ASP C 51 -28.66 0.40 -33.59
C ASP C 51 -29.62 -0.79 -33.71
N PHE C 52 -29.15 -1.88 -34.35
CA PHE C 52 -30.00 -3.06 -34.49
C PHE C 52 -30.40 -3.62 -33.11
N VAL C 53 -29.42 -3.85 -32.25
CA VAL C 53 -29.73 -4.42 -30.97
C VAL C 53 -30.69 -3.51 -30.21
N ALA C 54 -30.50 -2.19 -30.32
CA ALA C 54 -31.40 -1.27 -29.62
C ALA C 54 -32.82 -1.45 -30.18
N TRP C 55 -32.93 -1.45 -31.51
CA TRP C 55 -34.20 -1.63 -32.17
C TRP C 55 -34.89 -2.93 -31.72
N MET C 56 -34.13 -4.02 -31.66
CA MET C 56 -34.69 -5.31 -31.27
C MET C 56 -35.18 -5.29 -29.84
N VAL C 57 -34.39 -4.73 -28.94
CA VAL C 57 -34.79 -4.70 -27.54
C VAL C 57 -36.12 -3.96 -27.42
N THR C 58 -36.18 -2.79 -28.03
CA THR C 58 -37.38 -1.99 -27.99
C THR C 58 -38.62 -2.77 -28.42
N GLN C 59 -38.50 -3.58 -29.46
CA GLN C 59 -39.62 -4.35 -29.96
C GLN C 59 -40.00 -5.60 -29.16
N ASN C 60 -39.14 -6.07 -28.25
CA ASN C 60 -39.48 -7.30 -27.54
C ASN C 60 -39.38 -7.32 -26.02
N ILE C 61 -38.88 -6.25 -25.44
CA ILE C 61 -38.77 -6.21 -24.01
C ILE C 61 -40.16 -5.99 -23.34
N GLU C 62 -40.35 -6.54 -22.15
CA GLU C 62 -41.59 -6.37 -21.38
C GLU C 62 -41.68 -4.92 -20.91
N GLU C 63 -42.86 -4.32 -20.99
CA GLU C 63 -43.00 -2.92 -20.57
C GLU C 63 -42.57 -2.67 -19.12
N SER C 64 -42.73 -3.68 -18.25
CA SER C 64 -42.35 -3.55 -16.86
C SER C 64 -40.83 -3.39 -16.69
N PHE C 65 -40.06 -4.20 -17.44
CA PHE C 65 -38.60 -4.17 -17.41
C PHE C 65 -38.08 -2.94 -18.13
N SER C 66 -36.92 -2.44 -17.70
CA SER C 66 -36.36 -1.25 -18.32
C SER C 66 -34.84 -1.34 -18.60
N HIS C 67 -34.20 -2.31 -17.97
CA HIS C 67 -32.77 -2.50 -18.12
C HIS C 67 -32.47 -3.85 -18.71
N VAL C 68 -31.44 -3.89 -19.53
CA VAL C 68 -31.06 -5.13 -20.16
C VAL C 68 -29.53 -5.30 -20.13
N SER C 69 -29.10 -6.50 -19.77
CA SER C 69 -27.69 -6.82 -19.66
C SER C 69 -26.95 -7.07 -20.99
N ILE C 70 -25.66 -6.72 -21.04
CA ILE C 70 -24.82 -6.96 -22.21
C ILE C 70 -23.52 -7.58 -21.70
N GLY C 71 -22.75 -8.18 -22.61
CA GLY C 71 -21.52 -8.87 -22.22
C GLY C 71 -20.26 -8.19 -21.69
N LEU C 72 -20.28 -6.89 -21.46
CA LEU C 72 -19.11 -6.18 -20.96
C LEU C 72 -18.93 -6.32 -19.47
N ARG C 73 -17.74 -6.75 -19.05
CA ARG C 73 -17.45 -6.92 -17.63
C ARG C 73 -16.01 -6.58 -17.28
N VAL C 74 -15.83 -6.05 -16.07
CA VAL C 74 -14.50 -5.71 -15.54
C VAL C 74 -13.72 -6.97 -15.22
N GLN C 75 -12.49 -7.06 -15.71
CA GLN C 75 -11.69 -8.25 -15.43
C GLN C 75 -10.91 -8.13 -14.13
N ASN C 76 -10.58 -6.91 -13.74
CA ASN C 76 -9.86 -6.65 -12.50
C ASN C 76 -10.45 -7.40 -11.33
N LYS C 77 -9.58 -7.89 -10.45
CA LYS C 77 -9.99 -8.63 -9.27
C LYS C 77 -10.28 -7.77 -8.04
N GLU C 78 -9.62 -6.61 -7.94
CA GLU C 78 -9.81 -5.66 -6.83
C GLU C 78 -11.24 -5.07 -6.80
N LYS C 79 -11.62 -4.48 -5.68
CA LYS C 79 -12.97 -3.89 -5.53
C LYS C 79 -13.30 -2.80 -6.53
N GLN C 80 -12.33 -1.95 -6.82
CA GLN C 80 -12.49 -0.88 -7.81
C GLN C 80 -11.14 -0.87 -8.55
N CYS C 81 -11.05 -0.17 -9.67
CA CYS C 81 -9.83 -0.20 -10.48
C CYS C 81 -8.79 0.89 -10.35
N SER C 82 -8.95 1.76 -9.38
CA SER C 82 -7.96 2.80 -9.17
C SER C 82 -6.86 2.14 -8.31
N THR C 83 -5.66 2.02 -8.84
CA THR C 83 -4.58 1.42 -8.06
C THR C 83 -3.80 2.42 -7.25
N LYS C 84 -3.93 3.71 -7.53
CA LYS C 84 -3.24 4.74 -6.72
C LYS C 84 -4.14 5.88 -6.26
N TRP C 85 -3.83 6.43 -5.10
CA TRP C 85 -4.56 7.57 -4.56
C TRP C 85 -3.94 8.83 -5.18
N SER C 86 -4.59 9.97 -5.00
CA SER C 86 -4.09 11.21 -5.57
C SER C 86 -2.71 11.64 -5.04
N ASP C 87 -2.31 11.10 -3.90
CA ASP C 87 -1.01 11.42 -3.33
C ASP C 87 0.08 10.47 -3.80
N GLY C 88 -0.24 9.61 -4.76
CA GLY C 88 0.76 8.68 -5.26
C GLY C 88 0.90 7.32 -4.59
N SER C 89 0.37 7.18 -3.38
CA SER C 89 0.46 5.93 -2.66
C SER C 89 -0.45 4.88 -3.30
N SER C 90 -0.16 3.61 -3.05
CA SER C 90 -0.98 2.56 -3.63
C SER C 90 -2.26 2.31 -2.84
N VAL C 91 -3.27 1.80 -3.53
CA VAL C 91 -4.55 1.45 -2.93
C VAL C 91 -4.49 -0.02 -2.53
N SER C 92 -3.89 -0.26 -1.38
CA SER C 92 -3.70 -1.56 -0.80
C SER C 92 -4.77 -1.89 0.25
N TYR C 93 -5.53 -0.89 0.66
CA TYR C 93 -6.58 -1.06 1.64
C TYR C 93 -7.82 -0.53 0.95
N ASP C 94 -8.89 -1.31 0.93
CA ASP C 94 -10.08 -0.85 0.23
C ASP C 94 -11.37 -1.29 0.92
N ASN C 95 -12.14 -0.31 1.40
CA ASN C 95 -13.40 -0.59 2.09
C ASN C 95 -14.64 -0.22 1.28
N LEU C 96 -14.54 -0.26 -0.05
CA LEU C 96 -15.71 0.05 -0.84
C LEU C 96 -16.82 -0.98 -0.56
N LEU C 97 -18.06 -0.49 -0.46
CA LEU C 97 -19.21 -1.35 -0.21
C LEU C 97 -19.60 -2.11 -1.48
N ASP C 98 -19.95 -3.38 -1.31
CA ASP C 98 -20.36 -4.24 -2.43
C ASP C 98 -21.43 -3.55 -3.25
N LEU C 99 -22.36 -2.92 -2.56
CA LEU C 99 -23.44 -2.20 -3.20
C LEU C 99 -22.93 -1.20 -4.22
N TYR C 100 -21.67 -0.77 -4.07
CA TYR C 100 -21.11 0.23 -4.97
C TYR C 100 -20.07 -0.28 -5.95
N ILE C 101 -19.95 -1.60 -6.01
CA ILE C 101 -19.03 -2.24 -6.93
C ILE C 101 -19.83 -2.53 -8.19
N THR C 102 -19.57 -1.76 -9.23
CA THR C 102 -20.29 -1.91 -10.48
C THR C 102 -19.38 -2.40 -11.61
N LYS C 103 -19.22 -3.71 -11.66
CA LYS C 103 -18.34 -4.34 -12.65
C LYS C 103 -19.01 -4.88 -13.89
N CYS C 104 -20.32 -4.68 -14.00
CA CYS C 104 -21.04 -5.17 -15.17
C CYS C 104 -21.64 -4.02 -15.98
N SER C 105 -22.35 -4.34 -17.05
CA SER C 105 -22.92 -3.29 -17.88
C SER C 105 -24.32 -3.61 -18.38
N LEU C 106 -25.02 -2.58 -18.84
CA LEU C 106 -26.37 -2.76 -19.33
C LEU C 106 -26.82 -1.63 -20.23
N LEU C 107 -28.01 -1.80 -20.78
CA LEU C 107 -28.62 -0.81 -21.63
C LEU C 107 -29.92 -0.43 -20.96
N LYS C 108 -30.35 0.82 -21.13
CA LYS C 108 -31.61 1.24 -20.54
C LYS C 108 -32.57 1.95 -21.51
N LYS C 109 -33.87 1.73 -21.26
CA LYS C 109 -34.95 2.30 -22.05
C LYS C 109 -34.92 3.83 -22.07
N GLU C 110 -34.45 4.42 -20.99
CA GLU C 110 -34.37 5.86 -20.87
C GLU C 110 -33.57 6.51 -21.99
N THR C 111 -32.64 5.77 -22.59
CA THR C 111 -31.83 6.34 -23.67
C THR C 111 -32.02 5.60 -24.99
N GLY C 112 -33.16 4.93 -25.14
CA GLY C 112 -33.42 4.21 -26.37
C GLY C 112 -32.56 2.98 -26.50
N PHE C 113 -32.04 2.53 -25.35
CA PHE C 113 -31.19 1.36 -25.29
C PHE C 113 -29.92 1.60 -26.08
N ARG C 114 -29.38 2.80 -26.02
CA ARG C 114 -28.18 3.00 -26.77
C ARG C 114 -26.86 3.01 -26.01
N LYS C 115 -26.52 4.09 -25.33
CA LYS C 115 -25.23 4.10 -24.64
C LYS C 115 -25.09 2.99 -23.56
N TRP C 116 -23.86 2.66 -23.14
CA TRP C 116 -23.63 1.62 -22.13
C TRP C 116 -23.46 2.18 -20.72
N PHE C 117 -24.06 1.52 -19.72
CA PHE C 117 -23.98 1.99 -18.33
C PHE C 117 -23.36 0.92 -17.45
N VAL C 118 -22.53 1.32 -16.48
CA VAL C 118 -21.91 0.37 -15.55
C VAL C 118 -22.96 -0.01 -14.53
N ALA C 119 -22.87 -1.23 -14.01
CA ALA C 119 -23.86 -1.66 -13.06
C ALA C 119 -23.43 -2.83 -12.18
N SER C 120 -24.11 -2.99 -11.06
CA SER C 120 -23.85 -4.08 -10.14
C SER C 120 -24.11 -5.39 -10.87
N CYS C 121 -23.28 -6.39 -10.60
CA CYS C 121 -23.48 -7.67 -11.25
C CYS C 121 -24.48 -8.56 -10.52
N ILE C 122 -24.99 -8.11 -9.37
CA ILE C 122 -25.93 -8.94 -8.62
C ILE C 122 -27.38 -8.55 -8.90
N GLY C 123 -27.57 -7.60 -9.81
CA GLY C 123 -28.93 -7.20 -10.15
C GLY C 123 -29.56 -8.24 -11.06
N LYS C 124 -30.87 -8.42 -10.97
CA LYS C 124 -31.57 -9.40 -11.82
C LYS C 124 -32.41 -8.66 -12.84
N ILE C 125 -32.01 -8.76 -14.10
CA ILE C 125 -32.73 -8.09 -15.19
C ILE C 125 -32.72 -8.92 -16.46
N PRO C 126 -33.49 -8.46 -17.46
CA PRO C 126 -33.57 -9.15 -18.76
C PRO C 126 -32.19 -9.02 -19.41
N PHE C 127 -31.98 -9.79 -20.47
CA PHE C 127 -30.69 -9.78 -21.11
C PHE C 127 -30.82 -10.30 -22.53
N VAL C 128 -29.86 -9.93 -23.38
CA VAL C 128 -29.90 -10.42 -24.75
C VAL C 128 -28.70 -11.34 -25.06
N CYS C 129 -28.98 -12.46 -25.72
CA CYS C 129 -27.94 -13.39 -26.08
C CYS C 129 -27.56 -13.20 -27.55
N LYS C 130 -26.43 -13.77 -27.92
CA LYS C 130 -25.92 -13.66 -29.29
C LYS C 130 -25.00 -14.82 -29.60
N PHE C 131 -25.11 -15.32 -30.81
CA PHE C 131 -24.25 -16.40 -31.24
C PHE C 131 -24.19 -16.43 -32.77
N PRO C 132 -23.14 -17.03 -33.32
CA PRO C 132 -22.96 -17.12 -34.77
C PRO C 132 -23.48 -18.44 -35.31
N PRO C 133 -24.53 -18.42 -36.13
CA PRO C 133 -25.10 -19.66 -36.70
C PRO C 133 -24.14 -20.35 -37.67
N GLN C 134 -24.25 -21.66 -37.82
CA GLN C 134 -23.36 -22.37 -38.73
C GLN C 134 -23.91 -22.60 -40.14
N CYS C 135 -23.00 -22.63 -41.11
CA CYS C 135 -23.35 -22.83 -42.52
C CYS C 135 -22.42 -23.84 -43.20
N PHE D 3 8.17 14.99 14.48
CA PHE D 3 7.61 16.25 13.82
C PHE D 3 6.17 16.53 14.18
N CYS D 4 5.87 17.81 14.34
CA CYS D 4 4.56 18.28 14.70
C CYS D 4 3.68 18.73 13.55
N CYS D 5 2.38 18.81 13.81
CA CYS D 5 1.47 19.26 12.76
C CYS D 5 1.17 20.72 12.95
N PRO D 6 0.87 21.43 11.85
CA PRO D 6 0.55 22.86 11.93
C PRO D 6 -0.69 23.04 12.84
N SER D 7 -0.85 24.24 13.39
CA SER D 7 -2.02 24.49 14.24
C SER D 7 -3.29 24.33 13.40
N HIS D 8 -4.35 23.88 14.05
CA HIS D 8 -5.64 23.65 13.40
C HIS D 8 -5.63 22.42 12.51
N TRP D 9 -4.69 21.52 12.77
CA TRP D 9 -4.58 20.27 12.04
C TRP D 9 -4.47 19.21 13.11
N SER D 10 -4.98 18.02 12.81
CA SER D 10 -4.93 16.95 13.76
C SER D 10 -3.85 16.02 13.35
N SER D 11 -3.36 15.25 14.31
CA SER D 11 -2.28 14.35 13.97
C SER D 11 -2.61 12.90 14.32
N TYR D 12 -2.13 12.00 13.47
CA TYR D 12 -2.32 10.57 13.65
C TYR D 12 -1.17 9.88 12.95
N ASP D 13 -0.61 8.89 13.62
CA ASP D 13 0.54 8.18 13.10
C ASP D 13 1.58 9.29 12.87
N ARG D 14 2.07 9.42 11.65
CA ARG D 14 3.06 10.44 11.41
C ARG D 14 2.58 11.36 10.30
N TYR D 15 1.27 11.50 10.22
CA TYR D 15 0.66 12.32 9.19
C TYR D 15 -0.17 13.41 9.84
N CYS D 16 -0.58 14.37 9.03
CA CYS D 16 -1.41 15.48 9.49
C CYS D 16 -2.70 15.50 8.73
N TYR D 17 -3.80 15.66 9.45
CA TYR D 17 -5.11 15.70 8.82
C TYR D 17 -5.88 16.95 9.20
N LYS D 18 -6.78 17.37 8.30
CA LYS D 18 -7.61 18.53 8.57
C LYS D 18 -8.89 18.44 7.76
N VAL D 19 -10.02 18.59 8.44
CA VAL D 19 -11.30 18.52 7.73
C VAL D 19 -11.82 19.88 7.32
N PHE D 20 -12.31 19.95 6.09
CA PHE D 20 -12.83 21.20 5.54
C PHE D 20 -14.33 21.06 5.22
N LYS D 21 -15.16 21.98 5.70
CA LYS D 21 -16.60 21.93 5.47
C LYS D 21 -17.02 22.37 4.07
N GLN D 22 -16.36 23.37 3.50
CA GLN D 22 -16.74 23.83 2.16
C GLN D 22 -17.07 22.60 1.31
N GLU D 23 -18.16 22.66 0.59
CA GLU D 23 -18.55 21.56 -0.26
C GLU D 23 -17.99 21.81 -1.65
N MET D 24 -17.09 20.96 -2.12
CA MET D 24 -16.52 21.13 -3.45
C MET D 24 -16.62 19.83 -4.23
N THR D 25 -16.31 19.90 -5.53
CA THR D 25 -16.30 18.72 -6.39
C THR D 25 -15.02 17.96 -6.05
N TRP D 26 -14.90 16.72 -6.52
CA TRP D 26 -13.70 15.95 -6.24
C TRP D 26 -12.42 16.69 -6.72
N ALA D 27 -12.40 17.01 -8.02
CA ALA D 27 -11.25 17.71 -8.60
C ALA D 27 -10.90 18.97 -7.83
N ASP D 28 -11.90 19.73 -7.41
CA ASP D 28 -11.64 20.95 -6.68
C ASP D 28 -11.12 20.66 -5.28
N ALA D 29 -11.72 19.72 -4.59
CA ALA D 29 -11.27 19.41 -3.25
C ALA D 29 -9.78 19.06 -3.30
N GLU D 30 -9.40 18.21 -4.24
CA GLU D 30 -8.00 17.80 -4.37
C GLU D 30 -7.09 19.00 -4.63
N LYS D 31 -7.44 19.85 -5.59
CA LYS D 31 -6.59 21.02 -5.86
C LYS D 31 -6.48 21.87 -4.60
N PHE D 32 -7.61 22.08 -3.95
CA PHE D 32 -7.67 22.87 -2.72
C PHE D 32 -6.69 22.32 -1.69
N CYS D 33 -6.73 21.01 -1.48
CA CYS D 33 -5.83 20.38 -0.51
C CYS D 33 -4.39 20.68 -0.88
N THR D 34 -4.14 20.66 -2.18
CA THR D 34 -2.83 20.92 -2.72
C THR D 34 -2.30 22.28 -2.32
N GLN D 35 -3.19 23.25 -2.23
CA GLN D 35 -2.80 24.61 -1.89
C GLN D 35 -2.70 24.89 -0.40
N GLN D 36 -3.21 23.96 0.41
CA GLN D 36 -3.18 24.14 1.84
C GLN D 36 -1.84 23.91 2.53
N HIS D 37 -1.00 23.06 1.97
CA HIS D 37 0.28 22.76 2.58
C HIS D 37 1.08 21.90 1.61
N THR D 38 2.38 21.82 1.79
CA THR D 38 3.18 20.98 0.89
C THR D 38 2.83 19.55 1.19
N GLY D 39 2.80 18.72 0.15
CA GLY D 39 2.49 17.31 0.30
C GLY D 39 1.06 17.04 0.68
N SER D 40 0.21 18.07 0.66
CA SER D 40 -1.18 17.87 1.02
C SER D 40 -2.05 17.41 -0.15
N HIS D 41 -2.95 16.48 0.17
CA HIS D 41 -3.89 15.90 -0.79
C HIS D 41 -5.16 15.44 -0.08
N LEU D 42 -6.12 14.94 -0.83
CA LEU D 42 -7.32 14.37 -0.23
C LEU D 42 -6.82 13.15 0.58
N VAL D 43 -7.47 12.88 1.71
CA VAL D 43 -7.06 11.73 2.53
C VAL D 43 -6.95 10.45 1.74
N SER D 44 -6.04 9.61 2.19
CA SER D 44 -5.88 8.29 1.62
C SER D 44 -5.85 7.40 2.87
N PHE D 45 -6.31 6.16 2.74
CA PHE D 45 -6.32 5.23 3.89
C PHE D 45 -5.52 3.95 3.66
N HIS D 46 -4.77 3.52 4.66
CA HIS D 46 -3.99 2.30 4.52
C HIS D 46 -4.13 1.37 5.71
N SER D 47 -5.19 1.57 6.48
CA SER D 47 -5.48 0.74 7.66
C SER D 47 -6.86 1.10 8.22
N THR D 48 -7.41 0.16 8.97
CA THR D 48 -8.69 0.36 9.57
C THR D 48 -8.53 1.45 10.64
N GLU D 49 -7.51 1.33 11.47
CA GLU D 49 -7.24 2.32 12.52
C GLU D 49 -7.27 3.76 12.00
N GLU D 50 -6.62 4.00 10.85
CA GLU D 50 -6.59 5.33 10.28
C GLU D 50 -7.98 5.80 9.84
N VAL D 51 -8.76 4.92 9.22
CA VAL D 51 -10.10 5.34 8.80
C VAL D 51 -10.88 5.74 10.06
N ASP D 52 -10.77 4.92 11.10
CA ASP D 52 -11.43 5.18 12.37
C ASP D 52 -11.11 6.58 12.83
N PHE D 53 -9.82 6.90 12.89
CA PHE D 53 -9.40 8.22 13.29
C PHE D 53 -10.05 9.36 12.50
N VAL D 54 -10.02 9.33 11.17
CA VAL D 54 -10.60 10.44 10.44
C VAL D 54 -12.10 10.46 10.53
N VAL D 55 -12.70 9.28 10.74
CA VAL D 55 -14.15 9.22 10.85
C VAL D 55 -14.57 9.89 12.16
N LYS D 56 -13.89 9.57 13.24
CA LYS D 56 -14.22 10.18 14.53
C LYS D 56 -13.96 11.69 14.40
N MET D 57 -12.78 12.03 13.92
CA MET D 57 -12.42 13.41 13.75
C MET D 57 -13.44 14.14 12.87
N THR D 58 -13.88 13.48 11.83
CA THR D 58 -14.81 14.09 10.89
C THR D 58 -16.25 14.16 11.43
N HIS D 59 -16.59 13.18 12.28
CA HIS D 59 -17.91 13.05 12.90
C HIS D 59 -18.16 14.12 13.95
N GLN D 60 -17.11 14.83 14.35
CA GLN D 60 -17.25 15.87 15.35
C GLN D 60 -16.97 17.23 14.74
N SER D 61 -17.00 17.31 13.41
CA SER D 61 -16.78 18.59 12.73
C SER D 61 -17.75 18.81 11.56
N LEU D 62 -18.76 17.95 11.48
CA LEU D 62 -19.78 18.03 10.43
C LEU D 62 -20.98 17.25 10.95
N LYS D 63 -20.74 16.50 12.03
CA LYS D 63 -21.70 15.63 12.72
C LYS D 63 -22.02 14.36 11.93
N SER D 64 -22.76 14.48 10.84
CA SER D 64 -23.11 13.33 10.02
C SER D 64 -23.21 13.71 8.54
N THR D 65 -22.26 13.26 7.74
CA THR D 65 -22.26 13.60 6.32
C THR D 65 -21.35 12.61 5.56
N PHE D 66 -21.07 12.94 4.31
CA PHE D 66 -20.19 12.13 3.48
C PHE D 66 -19.13 13.07 2.97
N PHE D 67 -17.87 12.59 2.92
CA PHE D 67 -16.76 13.41 2.47
C PHE D 67 -15.86 12.71 1.49
N TRP D 68 -15.36 13.51 0.57
CA TRP D 68 -14.48 13.05 -0.47
C TRP D 68 -13.22 12.37 0.08
N ILE D 69 -12.72 11.41 -0.70
CA ILE D 69 -11.54 10.61 -0.43
C ILE D 69 -10.65 10.71 -1.67
N GLY D 70 -9.34 10.51 -1.49
CA GLY D 70 -8.41 10.61 -2.60
C GLY D 70 -8.37 9.64 -3.79
N ALA D 71 -9.47 9.00 -4.12
CA ALA D 71 -9.50 8.09 -5.27
C ALA D 71 -10.54 8.55 -6.30
N ASN D 72 -10.16 8.63 -7.57
CA ASN D 72 -11.12 9.08 -8.57
C ASN D 72 -11.17 8.22 -9.81
N ASN D 73 -12.25 8.35 -10.57
CA ASN D 73 -12.46 7.60 -11.81
C ASN D 73 -12.26 6.11 -11.61
N ILE D 74 -12.86 5.59 -10.54
CA ILE D 74 -12.73 4.21 -10.18
C ILE D 74 -13.17 3.15 -11.19
N TRP D 75 -13.99 3.51 -12.17
CA TRP D 75 -14.42 2.51 -13.15
C TRP D 75 -13.89 2.81 -14.55
N ASN D 76 -13.28 3.96 -14.71
CA ASN D 76 -12.77 4.33 -16.03
C ASN D 76 -11.45 3.67 -16.33
N LYS D 77 -10.72 3.37 -15.27
CA LYS D 77 -9.40 2.75 -15.37
C LYS D 77 -9.48 1.23 -15.58
N CYS D 78 -10.63 0.65 -15.28
CA CYS D 78 -10.82 -0.79 -15.42
C CYS D 78 -10.51 -1.36 -16.79
N ASN D 79 -10.30 -2.67 -16.78
CA ASN D 79 -10.03 -3.43 -17.98
C ASN D 79 -11.34 -4.15 -18.35
N TRP D 80 -12.13 -3.54 -19.23
CA TRP D 80 -13.39 -4.14 -19.63
C TRP D 80 -13.18 -5.10 -20.80
N GLN D 81 -13.88 -6.23 -20.76
CA GLN D 81 -13.78 -7.25 -21.81
C GLN D 81 -15.16 -7.87 -22.09
N TRP D 82 -15.39 -8.27 -23.34
CA TRP D 82 -16.67 -8.89 -23.66
C TRP D 82 -16.60 -10.36 -23.23
N SER D 83 -17.69 -10.90 -22.68
CA SER D 83 -17.70 -12.28 -22.25
C SER D 83 -17.33 -13.23 -23.39
N ASP D 84 -17.34 -12.71 -24.61
CA ASP D 84 -16.98 -13.51 -25.78
C ASP D 84 -15.46 -13.46 -25.99
N GLY D 85 -14.73 -12.91 -25.02
CA GLY D 85 -13.28 -12.86 -25.12
C GLY D 85 -12.63 -11.63 -25.73
N THR D 86 -13.26 -11.06 -26.76
CA THR D 86 -12.73 -9.90 -27.44
C THR D 86 -12.68 -8.63 -26.61
N LYS D 87 -11.90 -7.65 -27.10
CA LYS D 87 -11.75 -6.39 -26.39
C LYS D 87 -12.63 -5.33 -27.02
N PRO D 88 -13.17 -4.43 -26.19
CA PRO D 88 -14.04 -3.36 -26.67
C PRO D 88 -13.30 -2.33 -27.52
N GLU D 89 -13.14 -2.65 -28.80
CA GLU D 89 -12.49 -1.76 -29.75
C GLU D 89 -13.51 -0.60 -29.90
N TYR D 90 -14.69 -0.92 -30.41
CA TYR D 90 -15.76 0.06 -30.56
C TYR D 90 -16.36 0.30 -29.17
N LYS D 91 -16.53 1.58 -28.82
CA LYS D 91 -17.06 1.93 -27.50
C LYS D 91 -18.27 2.86 -27.64
N GLU D 92 -19.21 2.73 -26.71
CA GLU D 92 -20.44 3.52 -26.69
C GLU D 92 -20.85 3.76 -25.25
N TRP D 93 -19.86 3.94 -24.38
CA TRP D 93 -20.13 4.16 -22.97
C TRP D 93 -20.86 5.47 -22.72
N HIS D 94 -21.45 5.56 -21.53
CA HIS D 94 -22.13 6.75 -21.11
C HIS D 94 -21.12 7.43 -20.20
N GLU D 95 -20.67 8.63 -20.55
CA GLU D 95 -19.69 9.39 -19.75
C GLU D 95 -20.04 9.34 -18.25
N GLU D 96 -19.26 8.63 -17.46
CA GLU D 96 -19.53 8.54 -16.01
C GLU D 96 -18.23 8.52 -15.19
N PHE D 97 -18.14 9.34 -14.16
CA PHE D 97 -16.93 9.37 -13.34
C PHE D 97 -17.25 9.29 -11.87
N GLU D 98 -17.00 8.13 -11.27
CA GLU D 98 -17.28 7.92 -9.85
C GLU D 98 -16.00 8.09 -9.02
N CYS D 99 -16.15 8.73 -7.87
CA CYS D 99 -15.03 8.97 -6.99
C CYS D 99 -15.42 8.44 -5.62
N LEU D 100 -14.44 8.04 -4.82
CA LEU D 100 -14.77 7.51 -3.51
C LEU D 100 -15.10 8.57 -2.47
N ILE D 101 -15.96 8.18 -1.53
CA ILE D 101 -16.37 9.06 -0.42
C ILE D 101 -16.45 8.20 0.83
N SER D 102 -16.24 8.81 1.99
CA SER D 102 -16.34 8.08 3.26
C SER D 102 -17.62 8.45 4.02
N ARG D 103 -17.99 7.64 4.99
CA ARG D 103 -19.17 7.88 5.81
C ARG D 103 -18.69 8.50 7.09
N THR D 104 -19.57 9.18 7.79
CA THR D 104 -19.15 9.81 9.02
C THR D 104 -19.57 8.99 10.20
N PHE D 105 -20.22 7.85 9.92
CA PHE D 105 -20.72 6.97 10.97
C PHE D 105 -20.31 5.53 10.81
N ASP D 106 -19.37 5.28 9.91
CA ASP D 106 -18.94 3.92 9.65
C ASP D 106 -17.57 3.92 8.97
N ASN D 107 -16.93 2.76 8.91
CA ASN D 107 -15.63 2.63 8.27
C ASN D 107 -15.73 2.19 6.83
N GLN D 108 -16.95 2.01 6.32
CA GLN D 108 -17.14 1.56 4.94
C GLN D 108 -17.19 2.74 4.00
N TRP D 109 -16.75 2.52 2.75
CA TRP D 109 -16.72 3.61 1.74
C TRP D 109 -17.77 3.38 0.65
N LEU D 110 -18.03 4.42 -0.13
CA LEU D 110 -18.98 4.36 -1.23
C LEU D 110 -18.38 5.24 -2.29
N SER D 111 -19.16 5.53 -3.33
CA SER D 111 -18.73 6.36 -4.43
C SER D 111 -19.81 7.36 -4.75
N ALA D 112 -19.48 8.31 -5.62
CA ALA D 112 -20.39 9.35 -6.05
C ALA D 112 -19.82 10.04 -7.29
N PRO D 113 -20.69 10.52 -8.18
CA PRO D 113 -20.18 11.20 -9.37
C PRO D 113 -19.21 12.28 -8.92
N CYS D 114 -18.05 12.31 -9.59
CA CYS D 114 -17.00 13.24 -9.25
C CYS D 114 -17.41 14.70 -9.39
N SER D 115 -18.44 14.96 -10.16
CA SER D 115 -18.93 16.33 -10.34
C SER D 115 -19.82 16.75 -9.16
N ASP D 116 -20.19 15.80 -8.31
CA ASP D 116 -21.02 16.08 -7.14
C ASP D 116 -20.27 17.01 -6.19
N THR D 117 -20.91 17.41 -5.10
CA THR D 117 -20.30 18.34 -4.16
C THR D 117 -20.38 17.90 -2.71
N TYR D 118 -19.23 17.61 -2.12
CA TYR D 118 -19.19 17.15 -0.74
C TYR D 118 -18.06 17.84 0.02
N SER D 119 -18.08 17.69 1.34
CA SER D 119 -17.01 18.19 2.21
C SER D 119 -15.80 17.26 2.00
N PHE D 120 -14.74 17.47 2.76
CA PHE D 120 -13.55 16.62 2.63
C PHE D 120 -12.48 16.80 3.70
N VAL D 121 -11.44 15.99 3.62
CA VAL D 121 -10.36 16.11 4.56
C VAL D 121 -9.06 15.97 3.80
N CYS D 122 -8.07 16.78 4.18
CA CYS D 122 -6.75 16.79 3.55
C CYS D 122 -5.74 16.09 4.45
N LYS D 123 -4.66 15.63 3.83
CA LYS D 123 -3.62 14.91 4.56
C LYS D 123 -2.22 15.16 3.98
N PHE D 124 -1.20 15.14 4.83
CA PHE D 124 0.20 15.27 4.40
C PHE D 124 1.12 14.66 5.47
N GLU D 125 2.30 14.22 5.03
CA GLU D 125 3.29 13.60 5.92
C GLU D 125 4.15 14.65 6.64
N ALA D 126 5.15 14.18 7.37
CA ALA D 126 6.05 15.05 8.13
C ALA D 126 5.19 15.66 9.19
#